data_1G0H
#
_entry.id   1G0H
#
_cell.length_a   65.18
_cell.length_b   75.89
_cell.length_c   131.81
_cell.angle_alpha   90.0
_cell.angle_beta   90.0
_cell.angle_gamma   90.0
#
_symmetry.space_group_name_H-M   'P 21 21 21'
#
loop_
_entity.id
_entity.type
_entity.pdbx_description
1 polymer 'INOSITOL MONOPHOSPHATASE'
2 non-polymer 'CALCIUM ION'
3 non-polymer D-MYO-INOSITOL-1-PHOSPHATE
4 water water
#
_entity_poly.entity_id   1
_entity_poly.type   'polypeptide(L)'
_entity_poly.pdbx_seq_one_letter_code
;MKWDEIGKNIAKEIEKEILPYFGRKDKSYVVGTSPSGDETEIFDKISEDIALKYLKSLNVNIVSEELGVIDNSSEWTVVI
DPIDGSFNFINGIPFFAFCFGVFKNNEPYYGLTYEFLTKSFYEAYKGKGAYLNGRKIKVKDFNPNNIVISYYPSKKIDLE
KLRNKVKRVRIFGAFGLEMCYVAKGTLDAVFDVRPKVRAVDIASSYIICKEAGALITDENGDELKFDLNATDRLNIIVAN
SKEMLDIILDLL
;
_entity_poly.pdbx_strand_id   A,B
#
# COMPACT_ATOMS: atom_id res chain seq x y z
N MET A 1 -31.48 -1.60 15.68
CA MET A 1 -30.77 -2.79 15.20
C MET A 1 -29.40 -2.94 15.83
N LYS A 2 -28.70 -4.02 15.45
CA LYS A 2 -27.39 -4.23 16.06
C LYS A 2 -26.34 -3.30 15.45
N TRP A 3 -25.23 -3.14 16.16
CA TRP A 3 -24.19 -2.18 15.77
C TRP A 3 -23.53 -2.54 14.44
N ASP A 4 -23.14 -3.79 14.22
CA ASP A 4 -22.56 -4.21 12.95
C ASP A 4 -23.45 -3.83 11.75
N GLU A 5 -24.76 -3.82 11.95
CA GLU A 5 -25.75 -3.50 10.94
C GLU A 5 -25.83 -2.00 10.72
N ILE A 6 -25.34 -1.26 11.72
CA ILE A 6 -25.42 0.19 11.59
C ILE A 6 -24.11 0.71 10.98
N GLY A 7 -23.01 0.18 11.50
CA GLY A 7 -21.69 0.45 10.98
C GLY A 7 -21.64 0.09 9.49
N LYS A 8 -21.98 -1.15 9.16
CA LYS A 8 -21.97 -1.54 7.74
C LYS A 8 -22.92 -0.68 6.92
N ASN A 9 -23.99 -0.20 7.54
CA ASN A 9 -24.92 0.69 6.84
C ASN A 9 -24.19 1.94 6.34
N ILE A 10 -23.64 2.68 7.28
CA ILE A 10 -22.91 3.92 7.08
C ILE A 10 -21.71 3.72 6.15
N ALA A 11 -20.98 2.64 6.42
CA ALA A 11 -19.86 2.21 5.60
C ALA A 11 -20.22 2.30 4.12
N LYS A 12 -21.17 1.46 3.71
CA LYS A 12 -21.59 1.33 2.32
C LYS A 12 -22.22 2.60 1.76
N GLU A 13 -22.63 3.55 2.61
CA GLU A 13 -23.22 4.77 2.06
C GLU A 13 -22.12 5.79 1.81
N ILE A 14 -21.13 5.76 2.70
CA ILE A 14 -19.99 6.64 2.50
C ILE A 14 -19.28 6.21 1.21
N GLU A 15 -19.24 4.90 1.06
CA GLU A 15 -18.59 4.26 -0.07
C GLU A 15 -19.09 4.83 -1.40
N LYS A 16 -20.38 4.66 -1.67
CA LYS A 16 -20.93 5.06 -2.95
C LYS A 16 -20.71 6.55 -3.24
N GLU A 17 -20.76 7.37 -2.19
CA GLU A 17 -20.65 8.82 -2.28
C GLU A 17 -19.23 9.36 -2.39
N ILE A 18 -18.19 8.63 -2.00
CA ILE A 18 -16.85 9.25 -1.97
C ILE A 18 -15.85 8.54 -2.86
N LEU A 19 -16.18 7.37 -3.40
CA LEU A 19 -15.22 6.68 -4.27
C LEU A 19 -14.97 7.45 -5.56
N PRO A 20 -15.90 8.08 -6.25
CA PRO A 20 -15.51 8.88 -7.43
C PRO A 20 -14.50 9.98 -7.11
N TYR A 21 -14.31 10.36 -5.85
CA TYR A 21 -13.24 11.30 -5.54
C TYR A 21 -11.90 10.59 -5.42
N PHE A 22 -11.89 9.27 -5.33
CA PHE A 22 -10.66 8.51 -5.20
C PHE A 22 -9.62 8.76 -6.28
N GLY A 23 -8.54 9.45 -5.92
CA GLY A 23 -7.42 9.71 -6.77
C GLY A 23 -7.54 11.00 -7.56
N ARG A 24 -8.65 11.69 -7.41
CA ARG A 24 -9.02 12.86 -8.18
C ARG A 24 -8.82 14.16 -7.41
N LYS A 25 -7.56 14.53 -7.23
CA LYS A 25 -7.24 15.80 -6.56
C LYS A 25 -7.82 16.96 -7.36
N ASP A 26 -8.00 16.76 -8.67
CA ASP A 26 -8.60 17.80 -9.50
C ASP A 26 -9.96 18.20 -8.96
N LYS A 27 -10.64 17.24 -8.32
CA LYS A 27 -11.97 17.55 -7.82
C LYS A 27 -12.00 17.87 -6.34
N SER A 28 -10.95 17.65 -5.56
CA SER A 28 -11.09 17.95 -4.13
C SER A 28 -10.42 19.27 -3.74
N TYR A 29 -10.84 19.81 -2.60
CA TYR A 29 -10.21 21.05 -2.15
C TYR A 29 -10.48 21.27 -0.66
N VAL A 30 -9.57 22.00 -0.02
CA VAL A 30 -9.73 22.28 1.40
C VAL A 30 -11.04 23.03 1.64
N VAL A 31 -11.70 22.70 2.74
CA VAL A 31 -13.00 23.22 3.11
C VAL A 31 -13.06 23.69 4.56
N GLY A 32 -12.04 23.37 5.35
CA GLY A 32 -11.96 23.88 6.70
C GLY A 32 -10.73 23.34 7.40
N THR A 33 -10.47 23.81 8.62
CA THR A 33 -9.38 23.21 9.40
C THR A 33 -9.96 22.55 10.65
N SER A 34 -9.52 21.34 10.95
CA SER A 34 -10.01 20.57 12.10
C SER A 34 -9.50 21.17 13.39
N PRO A 35 -10.21 20.94 14.49
CA PRO A 35 -9.83 21.51 15.79
C PRO A 35 -8.38 21.19 16.14
N SER A 36 -7.91 20.05 15.67
CA SER A 36 -6.54 19.57 15.74
C SER A 36 -5.60 20.32 14.80
N GLY A 37 -5.96 21.55 14.41
CA GLY A 37 -5.18 22.38 13.52
C GLY A 37 -4.78 21.67 12.24
N ASP A 38 -5.70 20.93 11.65
CA ASP A 38 -5.50 20.13 10.46
C ASP A 38 -6.41 20.58 9.33
N GLU A 39 -6.06 20.23 8.09
CA GLU A 39 -6.89 20.65 6.97
C GLU A 39 -7.91 19.57 6.65
N THR A 40 -9.16 20.01 6.56
CA THR A 40 -10.28 19.17 6.19
C THR A 40 -10.55 19.31 4.70
N GLU A 41 -10.59 18.21 3.96
CA GLU A 41 -10.93 18.41 2.54
C GLU A 41 -12.37 18.03 2.28
N ILE A 42 -12.90 18.41 1.12
CA ILE A 42 -14.32 18.25 0.82
C ILE A 42 -14.79 16.80 0.95
N PHE A 43 -13.92 15.83 0.68
CA PHE A 43 -14.41 14.45 0.80
C PHE A 43 -14.48 14.00 2.25
N ASP A 44 -13.65 14.54 3.14
CA ASP A 44 -13.77 14.24 4.56
C ASP A 44 -15.11 14.73 5.09
N LYS A 45 -15.39 16.00 4.81
CA LYS A 45 -16.66 16.60 5.22
C LYS A 45 -17.86 15.75 4.80
N ILE A 46 -17.97 15.55 3.50
CA ILE A 46 -19.05 14.77 2.91
C ILE A 46 -19.21 13.43 3.62
N SER A 47 -18.09 12.80 3.94
CA SER A 47 -18.13 11.46 4.53
C SER A 47 -18.47 11.50 6.02
N GLU A 48 -18.12 12.59 6.70
CA GLU A 48 -18.42 12.69 8.12
C GLU A 48 -19.88 13.03 8.36
N ASP A 49 -20.43 13.83 7.44
CA ASP A 49 -21.81 14.32 7.56
C ASP A 49 -22.80 13.19 7.32
N ILE A 50 -22.47 12.31 6.40
CA ILE A 50 -23.29 11.13 6.14
C ILE A 50 -23.39 10.34 7.45
N ALA A 51 -22.23 9.96 7.96
CA ALA A 51 -22.12 9.21 9.20
C ALA A 51 -22.94 9.92 10.28
N LEU A 52 -22.79 11.24 10.33
CA LEU A 52 -23.58 11.97 11.32
C LEU A 52 -25.05 12.03 10.95
N LYS A 53 -25.36 11.87 9.66
CA LYS A 53 -26.79 11.91 9.33
C LYS A 53 -27.49 10.72 9.99
N TYR A 54 -26.76 9.66 10.28
CA TYR A 54 -27.23 8.45 10.92
C TYR A 54 -27.10 8.53 12.44
N LEU A 55 -25.86 8.70 12.89
CA LEU A 55 -25.51 8.58 14.28
C LEU A 55 -26.28 9.55 15.16
N LYS A 56 -26.66 10.71 14.65
CA LYS A 56 -27.31 11.65 15.58
C LYS A 56 -28.63 11.08 16.07
N SER A 57 -29.32 10.38 15.18
CA SER A 57 -30.58 9.72 15.46
C SER A 57 -30.49 8.74 16.63
N LEU A 58 -29.28 8.31 16.99
CA LEU A 58 -29.19 7.28 18.03
C LEU A 58 -29.01 7.87 19.42
N ASN A 59 -28.91 9.19 19.50
CA ASN A 59 -28.82 9.87 20.79
C ASN A 59 -27.70 9.31 21.67
N VAL A 60 -26.61 8.88 21.05
CA VAL A 60 -25.47 8.42 21.82
C VAL A 60 -24.34 9.44 21.77
N ASN A 61 -23.14 9.08 22.20
CA ASN A 61 -22.04 10.03 22.12
C ASN A 61 -21.17 9.73 20.90
N ILE A 62 -21.15 10.67 19.96
CA ILE A 62 -20.32 10.47 18.77
C ILE A 62 -18.95 11.12 18.92
N VAL A 63 -17.89 10.41 18.53
CA VAL A 63 -16.56 11.01 18.65
C VAL A 63 -15.76 10.82 17.36
N SER A 64 -15.48 11.94 16.71
CA SER A 64 -14.85 11.96 15.40
C SER A 64 -13.67 12.91 15.27
N GLU A 65 -12.96 12.74 14.16
CA GLU A 65 -11.82 13.54 13.74
C GLU A 65 -12.16 15.03 13.62
N GLU A 66 -12.79 15.41 12.52
CA GLU A 66 -13.05 16.80 12.18
C GLU A 66 -14.25 17.37 12.93
N LEU A 67 -14.39 17.08 14.22
CA LEU A 67 -15.60 17.53 14.90
C LEU A 67 -15.49 17.39 16.40
N GLY A 68 -14.45 16.70 16.87
CA GLY A 68 -14.21 16.59 18.29
C GLY A 68 -15.21 15.66 18.97
N VAL A 69 -15.68 16.08 20.15
CA VAL A 69 -16.56 15.22 20.94
C VAL A 69 -17.91 15.84 21.27
N ILE A 70 -18.95 15.13 20.85
CA ILE A 70 -20.35 15.45 21.11
C ILE A 70 -20.87 14.59 22.26
N ASP A 71 -21.09 15.19 23.43
CA ASP A 71 -21.56 14.45 24.59
C ASP A 71 -23.09 14.54 24.72
N ASN A 72 -23.71 13.40 24.90
CA ASN A 72 -25.16 13.29 25.02
C ASN A 72 -25.55 12.50 26.27
N SER A 73 -24.55 12.25 27.11
CA SER A 73 -24.70 11.56 28.39
C SER A 73 -24.85 10.05 28.25
N SER A 74 -25.05 9.55 27.04
CA SER A 74 -25.28 8.12 26.86
C SER A 74 -24.20 7.24 27.47
N GLU A 75 -24.55 5.99 27.73
CA GLU A 75 -23.57 4.99 28.13
C GLU A 75 -22.82 4.50 26.88
N TRP A 76 -23.35 4.87 25.72
CA TRP A 76 -22.80 4.46 24.44
C TRP A 76 -22.03 5.59 23.76
N THR A 77 -20.94 5.24 23.11
CA THR A 77 -20.07 6.16 22.40
C THR A 77 -19.50 5.54 21.13
N VAL A 78 -19.78 6.23 20.02
CA VAL A 78 -19.27 5.89 18.71
C VAL A 78 -17.98 6.69 18.44
N VAL A 79 -16.89 5.99 18.22
CA VAL A 79 -15.62 6.60 17.83
C VAL A 79 -15.42 6.38 16.34
N ILE A 80 -15.38 7.46 15.56
CA ILE A 80 -15.31 7.22 14.12
C ILE A 80 -14.24 8.04 13.42
N ASP A 81 -13.71 7.45 12.37
CA ASP A 81 -12.91 8.10 11.34
C ASP A 81 -13.49 7.67 9.99
N PRO A 82 -14.31 8.52 9.37
CA PRO A 82 -15.00 8.12 8.12
C PRO A 82 -14.01 7.67 7.06
N ILE A 83 -12.81 8.19 7.11
CA ILE A 83 -11.75 7.81 6.17
C ILE A 83 -10.40 7.89 6.88
N ASP A 84 -9.76 6.75 7.08
CA ASP A 84 -8.43 6.75 7.67
C ASP A 84 -7.42 6.61 6.53
N GLY A 85 -6.49 7.55 6.45
CA GLY A 85 -5.52 7.56 5.36
C GLY A 85 -6.09 8.32 4.16
N SER A 86 -6.44 9.58 4.38
CA SER A 86 -7.02 10.41 3.35
C SER A 86 -5.99 10.87 2.31
N PHE A 87 -4.74 11.06 2.73
CA PHE A 87 -3.70 11.43 1.79
C PHE A 87 -3.67 10.39 0.67
N ASN A 88 -3.56 9.14 1.11
CA ASN A 88 -3.58 8.02 0.19
C ASN A 88 -4.82 8.13 -0.69
N PHE A 89 -5.96 8.38 -0.06
CA PHE A 89 -7.23 8.40 -0.77
C PHE A 89 -7.17 9.40 -1.91
N ILE A 90 -7.04 10.65 -1.51
CA ILE A 90 -7.01 11.76 -2.45
C ILE A 90 -5.90 11.55 -3.47
N ASN A 91 -4.82 10.85 -3.08
CA ASN A 91 -3.73 10.65 -4.04
C ASN A 91 -3.82 9.33 -4.77
N GLY A 92 -4.92 8.59 -4.73
CA GLY A 92 -4.89 7.34 -5.48
C GLY A 92 -4.05 6.23 -4.93
N ILE A 93 -3.56 6.28 -3.69
CA ILE A 93 -2.93 5.07 -3.11
C ILE A 93 -4.00 4.17 -2.54
N PRO A 94 -4.10 2.90 -2.91
CA PRO A 94 -5.32 2.16 -2.52
C PRO A 94 -5.19 1.57 -1.12
N PHE A 95 -5.23 2.41 -0.09
CA PHE A 95 -5.13 1.93 1.27
C PHE A 95 -5.80 2.94 2.21
N PHE A 96 -7.10 2.80 2.36
CA PHE A 96 -7.85 3.66 3.27
C PHE A 96 -9.03 2.85 3.81
N ALA A 97 -9.71 3.38 4.82
CA ALA A 97 -10.73 2.59 5.50
C ALA A 97 -11.62 3.46 6.38
N PHE A 98 -12.83 2.96 6.60
CA PHE A 98 -13.79 3.56 7.53
C PHE A 98 -13.63 2.86 8.88
N CYS A 99 -13.52 3.64 9.93
CA CYS A 99 -13.28 3.18 11.28
C CYS A 99 -14.38 3.58 12.26
N PHE A 100 -15.07 2.56 12.76
CA PHE A 100 -16.28 2.78 13.57
C PHE A 100 -16.21 1.91 14.82
N GLY A 101 -16.03 2.54 15.98
CA GLY A 101 -15.84 1.88 17.25
C GLY A 101 -16.94 2.17 18.24
N VAL A 102 -17.66 1.12 18.61
CA VAL A 102 -18.75 1.23 19.59
C VAL A 102 -18.28 0.87 20.99
N PHE A 103 -18.47 1.81 21.92
CA PHE A 103 -18.12 1.63 23.32
C PHE A 103 -19.33 1.75 24.24
N LYS A 104 -19.43 0.81 25.18
CA LYS A 104 -20.51 0.85 26.18
C LYS A 104 -19.94 1.18 27.56
N ASN A 105 -19.95 2.46 27.90
CA ASN A 105 -19.41 2.95 29.15
C ASN A 105 -17.89 2.92 29.11
N ASN A 106 -17.38 3.33 27.95
CA ASN A 106 -15.93 3.40 27.74
C ASN A 106 -15.29 2.02 27.78
N GLU A 107 -16.07 0.96 27.62
CA GLU A 107 -15.48 -0.36 27.41
C GLU A 107 -15.83 -0.84 26.00
N PRO A 108 -14.90 -1.51 25.34
CA PRO A 108 -15.19 -1.94 23.97
C PRO A 108 -16.38 -2.89 23.95
N TYR A 109 -17.21 -2.71 22.93
CA TYR A 109 -18.36 -3.58 22.67
C TYR A 109 -18.32 -4.10 21.23
N TYR A 110 -18.30 -3.18 20.27
CA TYR A 110 -18.21 -3.54 18.86
C TYR A 110 -17.16 -2.71 18.12
N GLY A 111 -16.44 -3.34 17.23
CA GLY A 111 -15.44 -2.72 16.38
C GLY A 111 -15.60 -3.09 14.92
N LEU A 112 -15.54 -2.09 14.03
CA LEU A 112 -15.55 -2.36 12.60
C LEU A 112 -14.58 -1.46 11.83
N THR A 113 -13.80 -2.11 10.98
CA THR A 113 -12.93 -1.44 10.03
C THR A 113 -13.13 -2.02 8.62
N TYR A 114 -13.68 -1.18 7.76
CA TYR A 114 -14.04 -1.46 6.39
C TYR A 114 -13.00 -0.90 5.42
N GLU A 115 -12.45 -1.78 4.60
CA GLU A 115 -11.42 -1.46 3.61
C GLU A 115 -12.15 -1.39 2.27
N PHE A 116 -12.53 -0.18 1.90
CA PHE A 116 -13.33 0.04 0.72
C PHE A 116 -12.88 -0.73 -0.51
N LEU A 117 -11.62 -0.53 -0.89
CA LEU A 117 -11.21 -1.02 -2.21
C LEU A 117 -11.26 -2.53 -2.33
N THR A 118 -11.25 -3.21 -1.20
CA THR A 118 -11.16 -4.68 -1.27
C THR A 118 -12.43 -5.32 -0.72
N LYS A 119 -13.44 -4.49 -0.50
CA LYS A 119 -14.75 -4.75 0.05
C LYS A 119 -14.69 -5.73 1.23
N SER A 120 -13.92 -5.37 2.23
CA SER A 120 -13.58 -6.20 3.38
C SER A 120 -14.03 -5.60 4.70
N PHE A 121 -14.93 -6.34 5.33
CA PHE A 121 -15.40 -5.97 6.67
C PHE A 121 -14.57 -6.75 7.69
N TYR A 122 -13.81 -6.02 8.50
CA TYR A 122 -13.14 -6.53 9.66
C TYR A 122 -13.94 -6.12 10.90
N GLU A 123 -14.45 -7.10 11.63
CA GLU A 123 -15.23 -6.76 12.81
C GLU A 123 -15.04 -7.79 13.92
N ALA A 124 -15.44 -7.36 15.11
CA ALA A 124 -15.35 -8.18 16.30
C ALA A 124 -16.26 -7.62 17.39
N TYR A 125 -17.18 -8.43 17.89
CA TYR A 125 -17.90 -8.01 19.11
C TYR A 125 -16.98 -8.37 20.27
N LYS A 126 -16.94 -7.53 21.29
CA LYS A 126 -16.07 -7.80 22.43
C LYS A 126 -16.33 -9.19 22.99
N GLY A 127 -15.31 -10.05 22.96
CA GLY A 127 -15.44 -11.38 23.55
C GLY A 127 -15.94 -12.43 22.58
N LYS A 128 -16.31 -12.00 21.37
CA LYS A 128 -16.90 -12.88 20.37
C LYS A 128 -15.92 -13.33 19.30
N GLY A 129 -14.69 -12.81 19.23
CA GLY A 129 -13.75 -13.23 18.20
C GLY A 129 -13.59 -12.23 17.08
N ALA A 130 -12.57 -12.38 16.22
CA ALA A 130 -12.43 -11.42 15.12
C ALA A 130 -12.69 -12.07 13.78
N TYR A 131 -13.48 -11.38 12.97
CA TYR A 131 -13.88 -11.85 11.65
C TYR A 131 -13.51 -10.89 10.51
N LEU A 132 -13.40 -11.45 9.32
CA LEU A 132 -13.12 -10.82 8.05
C LEU A 132 -14.08 -11.38 6.99
N ASN A 133 -15.14 -10.64 6.72
CA ASN A 133 -16.18 -11.11 5.82
C ASN A 133 -16.61 -12.52 6.21
N GLY A 134 -16.99 -12.67 7.47
CA GLY A 134 -17.54 -13.85 8.07
C GLY A 134 -16.60 -14.93 8.52
N ARG A 135 -15.29 -14.73 8.36
CA ARG A 135 -14.34 -15.77 8.74
C ARG A 135 -13.48 -15.35 9.92
N LYS A 136 -13.26 -16.27 10.88
CA LYS A 136 -12.39 -15.89 11.98
C LYS A 136 -11.01 -15.53 11.44
N ILE A 137 -10.31 -14.63 12.12
CA ILE A 137 -8.95 -14.27 11.74
C ILE A 137 -8.07 -14.17 12.98
N LYS A 138 -6.79 -14.51 12.82
CA LYS A 138 -5.93 -14.59 14.00
C LYS A 138 -4.55 -14.01 13.77
N VAL A 139 -3.94 -13.40 14.79
CA VAL A 139 -2.55 -13.00 14.62
C VAL A 139 -1.72 -14.23 14.24
N LYS A 140 -0.72 -14.05 13.40
CA LYS A 140 0.04 -15.18 12.87
C LYS A 140 1.19 -15.58 13.81
N ASP A 141 1.52 -16.86 13.73
CA ASP A 141 2.59 -17.39 14.58
C ASP A 141 3.89 -16.66 14.27
N PHE A 142 4.66 -16.40 15.31
CA PHE A 142 5.94 -15.71 15.16
C PHE A 142 7.01 -16.66 14.62
N ASN A 143 7.69 -16.14 13.63
CA ASN A 143 8.82 -16.65 12.89
C ASN A 143 9.81 -15.50 12.71
N PRO A 144 10.94 -15.60 13.37
CA PRO A 144 11.88 -14.46 13.42
C PRO A 144 12.73 -14.41 12.15
N ASN A 145 12.51 -15.41 11.31
CA ASN A 145 13.15 -15.46 9.99
C ASN A 145 12.15 -15.03 8.92
N ASN A 146 11.07 -14.39 9.38
CA ASN A 146 10.00 -13.95 8.50
C ASN A 146 9.22 -12.78 9.11
N ILE A 147 9.95 -11.88 9.77
CA ILE A 147 9.25 -10.72 10.32
C ILE A 147 8.88 -9.76 9.21
N VAL A 148 7.61 -9.42 9.13
CA VAL A 148 7.14 -8.36 8.23
C VAL A 148 6.56 -7.24 9.08
N ILE A 149 7.00 -6.00 8.90
CA ILE A 149 6.38 -4.98 9.73
C ILE A 149 6.14 -3.65 9.03
N SER A 150 5.47 -2.78 9.77
CA SER A 150 5.18 -1.40 9.44
C SER A 150 5.34 -0.52 10.69
N TYR A 151 6.10 0.56 10.58
CA TYR A 151 6.42 1.39 11.73
C TYR A 151 6.40 2.89 11.45
N TYR A 152 6.26 3.65 12.53
CA TYR A 152 6.32 5.11 12.47
C TYR A 152 7.25 5.61 13.57
N PRO A 153 8.51 5.79 13.20
CA PRO A 153 9.59 5.89 14.19
C PRO A 153 9.88 7.35 14.54
N SER A 154 10.57 7.52 15.66
CA SER A 154 11.01 8.82 16.15
C SER A 154 12.47 9.02 15.83
N LYS A 155 13.05 10.14 16.27
CA LYS A 155 14.50 10.30 16.07
C LYS A 155 15.22 9.26 16.93
N LYS A 156 14.54 8.87 17.99
CA LYS A 156 14.96 7.96 19.04
C LYS A 156 15.07 6.52 18.59
N ILE A 157 15.16 6.21 17.29
CA ILE A 157 15.18 4.80 16.91
C ILE A 157 16.39 4.44 16.06
N ASP A 158 16.94 3.25 16.32
CA ASP A 158 17.96 2.70 15.44
C ASP A 158 17.26 1.94 14.31
N LEU A 159 17.04 2.68 13.22
CA LEU A 159 16.31 2.04 12.12
C LEU A 159 17.10 0.85 11.58
N GLU A 160 18.42 0.98 11.46
CA GLU A 160 19.18 -0.13 10.88
C GLU A 160 19.13 -1.34 11.80
N LYS A 161 19.09 -1.09 13.11
CA LYS A 161 18.93 -2.22 14.02
C LYS A 161 17.64 -2.96 13.67
N LEU A 162 16.60 -2.14 13.51
CA LEU A 162 15.27 -2.58 13.11
C LEU A 162 15.35 -3.36 11.80
N ARG A 163 15.76 -2.64 10.76
CA ARG A 163 15.86 -3.22 9.42
C ARG A 163 16.65 -4.52 9.44
N ASN A 164 17.66 -4.57 10.31
CA ASN A 164 18.53 -5.71 10.48
C ASN A 164 17.79 -6.90 11.09
N LYS A 165 17.00 -6.56 12.10
CA LYS A 165 16.23 -7.52 12.88
C LYS A 165 15.00 -8.04 12.15
N VAL A 166 14.47 -7.33 11.14
CA VAL A 166 13.29 -7.88 10.46
C VAL A 166 13.62 -8.33 9.05
N LYS A 167 12.63 -8.87 8.35
CA LYS A 167 12.88 -9.39 7.01
C LYS A 167 12.24 -8.54 5.91
N ARG A 168 11.06 -7.99 6.19
CA ARG A 168 10.30 -7.19 5.26
C ARG A 168 9.82 -5.88 5.88
N VAL A 169 9.56 -4.89 5.03
CA VAL A 169 8.95 -3.66 5.49
C VAL A 169 7.83 -3.24 4.55
N ARG A 170 6.73 -2.81 5.15
CA ARG A 170 5.59 -2.19 4.48
C ARG A 170 5.24 -0.93 5.27
N ILE A 171 4.87 0.13 4.58
CA ILE A 171 4.49 1.37 5.26
C ILE A 171 3.44 2.10 4.43
N PHE A 172 2.19 1.81 4.76
CA PHE A 172 1.00 2.10 3.97
C PHE A 172 0.40 3.46 4.28
N GLY A 173 0.63 4.00 5.47
CA GLY A 173 0.09 5.30 5.78
C GLY A 173 -1.38 5.28 6.14
N ALA A 174 -1.88 4.22 6.76
CA ALA A 174 -3.21 4.26 7.37
C ALA A 174 -3.23 3.34 8.58
N PHE A 175 -3.02 3.95 9.75
CA PHE A 175 -2.75 3.16 10.94
C PHE A 175 -3.87 2.20 11.29
N GLY A 176 -5.10 2.70 11.34
CA GLY A 176 -6.27 1.88 11.59
C GLY A 176 -6.27 0.57 10.83
N LEU A 177 -6.02 0.65 9.52
CA LEU A 177 -6.12 -0.47 8.60
C LEU A 177 -4.91 -1.39 8.75
N GLU A 178 -3.76 -0.81 9.05
CA GLU A 178 -2.56 -1.59 9.30
C GLU A 178 -2.76 -2.47 10.53
N MET A 179 -3.38 -1.89 11.57
CA MET A 179 -3.77 -2.67 12.75
C MET A 179 -4.54 -3.90 12.28
N CYS A 180 -5.61 -3.69 11.49
CA CYS A 180 -6.27 -4.86 10.93
C CYS A 180 -5.37 -5.83 10.20
N TYR A 181 -4.22 -5.40 9.67
CA TYR A 181 -3.40 -6.38 8.94
C TYR A 181 -2.59 -7.20 9.95
N VAL A 182 -2.37 -6.61 11.12
CA VAL A 182 -1.76 -7.36 12.21
C VAL A 182 -2.78 -8.43 12.60
N ALA A 183 -4.00 -7.95 12.82
CA ALA A 183 -5.11 -8.86 13.11
C ALA A 183 -5.26 -9.96 12.08
N LYS A 184 -5.16 -9.72 10.77
CA LYS A 184 -5.47 -10.82 9.86
C LYS A 184 -4.28 -11.73 9.62
N GLY A 185 -3.13 -11.46 10.23
CA GLY A 185 -2.00 -12.35 10.03
C GLY A 185 -1.00 -11.86 9.00
N THR A 186 -1.32 -10.84 8.22
CA THR A 186 -0.33 -10.40 7.23
C THR A 186 0.87 -9.77 7.93
N LEU A 187 0.66 -8.87 8.88
CA LEU A 187 1.81 -8.21 9.50
C LEU A 187 2.18 -8.79 10.87
N ASP A 188 3.47 -8.88 11.16
CA ASP A 188 3.92 -9.27 12.49
C ASP A 188 3.63 -8.17 13.51
N ALA A 189 3.60 -6.91 13.05
CA ALA A 189 3.35 -5.79 13.95
C ALA A 189 3.36 -4.44 13.25
N VAL A 190 2.70 -3.47 13.87
CA VAL A 190 2.76 -2.08 13.42
C VAL A 190 3.01 -1.18 14.63
N PHE A 191 3.70 -0.06 14.45
CA PHE A 191 3.77 0.84 15.60
C PHE A 191 4.01 2.29 15.19
N ASP A 192 3.82 3.13 16.22
CA ASP A 192 4.01 4.55 16.06
C ASP A 192 4.58 5.19 17.32
N VAL A 193 5.89 5.13 17.54
CA VAL A 193 6.45 5.81 18.70
C VAL A 193 6.71 7.27 18.37
N ARG A 194 6.47 7.64 17.12
CA ARG A 194 6.44 9.05 16.74
C ARG A 194 4.99 9.49 16.92
N PRO A 195 4.68 9.96 18.13
CA PRO A 195 3.28 10.09 18.53
C PRO A 195 2.49 10.99 17.59
N LYS A 196 1.66 10.35 16.78
CA LYS A 196 0.74 11.05 15.88
C LYS A 196 -0.66 10.43 15.90
N VAL A 197 -0.75 9.11 16.14
CA VAL A 197 -2.06 8.48 16.08
C VAL A 197 -2.93 8.89 17.27
N ARG A 198 -4.25 8.76 17.14
CA ARG A 198 -5.22 9.10 18.16
C ARG A 198 -6.39 8.11 18.17
N ALA A 199 -7.24 8.20 19.18
CA ALA A 199 -8.29 7.21 19.42
C ALA A 199 -9.19 7.02 18.20
N VAL A 200 -9.59 8.12 17.56
CA VAL A 200 -10.35 7.97 16.32
C VAL A 200 -9.63 7.08 15.31
N ASP A 201 -8.30 6.97 15.34
CA ASP A 201 -7.64 6.06 14.41
C ASP A 201 -7.55 4.65 14.94
N ILE A 202 -7.51 4.42 16.25
CA ILE A 202 -7.25 3.03 16.63
C ILE A 202 -8.39 2.35 17.36
N ALA A 203 -9.44 3.08 17.73
CA ALA A 203 -10.52 2.50 18.52
C ALA A 203 -11.10 1.22 17.93
N SER A 204 -11.81 1.30 16.83
CA SER A 204 -12.49 0.15 16.22
C SER A 204 -11.53 -1.00 15.94
N SER A 205 -10.28 -0.70 15.62
CA SER A 205 -9.37 -1.79 15.26
C SER A 205 -8.72 -2.40 16.50
N TYR A 206 -8.81 -1.62 17.58
CA TYR A 206 -8.37 -2.01 18.91
C TYR A 206 -9.09 -3.32 19.30
N ILE A 207 -10.40 -3.16 19.41
CA ILE A 207 -11.30 -4.26 19.69
C ILE A 207 -10.98 -5.46 18.81
N ILE A 208 -11.08 -5.27 17.50
CA ILE A 208 -10.73 -6.29 16.51
C ILE A 208 -9.35 -6.89 16.75
N CYS A 209 -8.34 -6.07 17.04
CA CYS A 209 -7.02 -6.70 17.19
C CYS A 209 -6.95 -7.58 18.44
N LYS A 210 -7.53 -7.07 19.51
CA LYS A 210 -7.57 -7.77 20.80
C LYS A 210 -8.19 -9.14 20.62
N GLU A 211 -9.39 -9.19 20.06
CA GLU A 211 -10.00 -10.50 19.78
C GLU A 211 -9.24 -11.34 18.78
N ALA A 212 -8.18 -10.84 18.17
CA ALA A 212 -7.46 -11.49 17.09
C ALA A 212 -6.24 -12.22 17.64
N GLY A 213 -5.97 -11.91 18.90
CA GLY A 213 -4.84 -12.48 19.61
C GLY A 213 -3.71 -11.47 19.71
N ALA A 214 -3.97 -10.27 19.22
CA ALA A 214 -2.95 -9.22 19.23
C ALA A 214 -2.51 -8.84 20.64
N LEU A 215 -1.31 -8.27 20.72
CA LEU A 215 -0.72 -7.67 21.91
C LEU A 215 -0.67 -6.15 21.75
N ILE A 216 -1.72 -5.46 22.16
CA ILE A 216 -1.67 -4.00 22.09
C ILE A 216 -1.04 -3.43 23.36
N THR A 217 0.01 -2.62 23.14
CA THR A 217 0.82 -2.06 24.25
C THR A 217 1.31 -0.65 23.89
N ASP A 218 1.71 0.10 24.99
CA ASP A 218 2.25 1.44 24.82
C ASP A 218 3.77 1.41 24.72
N GLU A 219 4.39 2.58 24.78
CA GLU A 219 5.83 2.71 24.68
C GLU A 219 6.59 1.73 25.57
N ASN A 220 6.00 1.44 26.73
CA ASN A 220 6.72 0.69 27.76
C ASN A 220 6.46 -0.80 27.76
N GLY A 221 5.27 -1.25 27.37
CA GLY A 221 5.06 -2.70 27.34
C GLY A 221 3.84 -3.11 28.11
N ASP A 222 3.30 -2.21 28.92
CA ASP A 222 2.07 -2.57 29.62
C ASP A 222 0.89 -2.23 28.71
N GLU A 223 -0.17 -3.01 28.81
CA GLU A 223 -1.40 -2.90 28.05
C GLU A 223 -1.76 -1.44 27.80
N LEU A 224 -2.18 -1.13 26.57
CA LEU A 224 -2.44 0.27 26.29
C LEU A 224 -3.85 0.68 26.71
N LYS A 225 -3.90 1.86 27.28
CA LYS A 225 -5.12 2.45 27.79
C LYS A 225 -5.41 3.78 27.11
N PHE A 226 -6.67 4.04 26.75
CA PHE A 226 -6.89 5.35 26.15
C PHE A 226 -8.29 5.90 26.38
N ASP A 227 -8.26 7.21 26.57
CA ASP A 227 -9.35 8.16 26.61
C ASP A 227 -9.94 8.28 25.21
N LEU A 228 -11.25 8.51 25.18
CA LEU A 228 -11.91 8.74 23.89
C LEU A 228 -12.06 10.23 23.65
N ASN A 229 -11.23 10.78 22.76
CA ASN A 229 -11.28 12.20 22.47
C ASN A 229 -10.55 12.51 21.17
N ALA A 230 -11.03 13.52 20.44
CA ALA A 230 -10.48 13.88 19.14
C ALA A 230 -9.09 14.46 19.26
N THR A 231 -8.73 14.80 20.49
CA THR A 231 -7.39 15.26 20.83
C THR A 231 -6.61 14.10 21.45
N ASP A 232 -5.32 14.25 21.70
CA ASP A 232 -4.45 13.32 22.41
C ASP A 232 -3.80 12.28 21.51
N ARG A 233 -2.55 12.50 21.09
CA ARG A 233 -1.85 11.47 20.34
C ARG A 233 -1.24 10.45 21.31
N LEU A 234 -1.05 9.20 20.88
CA LEU A 234 -0.51 8.23 21.81
C LEU A 234 0.38 7.19 21.17
N ASN A 235 1.54 6.93 21.80
CA ASN A 235 2.38 5.82 21.37
C ASN A 235 1.54 4.54 21.45
N ILE A 236 1.78 3.65 20.51
CA ILE A 236 1.07 2.37 20.46
C ILE A 236 1.94 1.34 19.76
N ILE A 237 1.74 0.09 20.13
CA ILE A 237 2.46 -1.06 19.61
C ILE A 237 1.48 -2.22 19.48
N VAL A 238 1.39 -2.76 18.27
CA VAL A 238 0.40 -3.78 17.96
C VAL A 238 1.07 -5.01 17.35
N ALA A 239 1.78 -5.73 18.21
CA ALA A 239 2.49 -6.93 17.79
C ALA A 239 1.62 -8.17 17.96
N ASN A 240 2.08 -9.26 17.39
CA ASN A 240 1.38 -10.54 17.36
C ASN A 240 1.95 -11.52 18.38
N SER A 241 2.85 -11.06 19.25
CA SER A 241 3.48 -12.01 20.15
C SER A 241 4.37 -11.31 21.17
N LYS A 242 4.60 -11.99 22.30
CA LYS A 242 5.49 -11.41 23.30
C LYS A 242 6.84 -11.12 22.66
N GLU A 243 7.40 -12.13 22.01
CA GLU A 243 8.66 -12.03 21.30
C GLU A 243 8.73 -10.77 20.43
N MET A 244 7.80 -10.63 19.50
CA MET A 244 7.78 -9.49 18.59
C MET A 244 7.83 -8.18 19.37
N LEU A 245 6.99 -8.08 20.39
CA LEU A 245 6.94 -6.89 21.23
C LEU A 245 8.33 -6.55 21.77
N ASP A 246 9.06 -7.60 22.11
CA ASP A 246 10.40 -7.52 22.66
C ASP A 246 11.31 -6.67 21.78
N ILE A 247 11.69 -7.30 20.68
CA ILE A 247 12.43 -6.74 19.57
C ILE A 247 12.10 -5.28 19.35
N ILE A 248 10.80 -4.97 19.36
CA ILE A 248 10.42 -3.57 19.18
C ILE A 248 10.67 -2.77 20.44
N LEU A 249 10.40 -3.38 21.59
CA LEU A 249 10.65 -2.65 22.85
C LEU A 249 12.14 -2.53 23.10
N ASP A 250 12.88 -3.37 22.38
CA ASP A 250 14.30 -3.56 22.31
C ASP A 250 15.00 -2.49 21.48
N LEU A 251 14.30 -1.44 21.07
CA LEU A 251 14.85 -0.45 20.16
C LEU A 251 14.49 0.98 20.53
N LEU A 252 13.57 1.12 21.47
CA LEU A 252 13.03 2.43 21.82
C LEU A 252 13.29 2.77 23.28
N MET B 1 -3.65 -6.37 -34.56
CA MET B 1 -3.96 -5.90 -33.22
C MET B 1 -2.81 -5.04 -32.68
N LYS B 2 -3.16 -3.89 -32.10
CA LYS B 2 -2.12 -3.00 -31.60
C LYS B 2 -1.44 -3.54 -30.35
N TRP B 3 -0.18 -3.15 -30.17
CA TRP B 3 0.59 -3.60 -29.02
C TRP B 3 -0.17 -3.35 -27.73
N ASP B 4 -0.74 -2.16 -27.60
CA ASP B 4 -1.48 -1.78 -26.39
C ASP B 4 -2.71 -2.66 -26.19
N GLU B 5 -3.29 -3.12 -27.30
CA GLU B 5 -4.42 -4.03 -27.26
C GLU B 5 -4.02 -5.44 -26.83
N ILE B 6 -2.87 -5.93 -27.30
CA ILE B 6 -2.42 -7.25 -26.85
C ILE B 6 -2.27 -7.22 -25.32
N GLY B 7 -1.52 -6.22 -24.88
CA GLY B 7 -1.22 -5.97 -23.50
C GLY B 7 -2.48 -5.86 -22.67
N LYS B 8 -3.37 -4.96 -23.08
CA LYS B 8 -4.62 -4.81 -22.33
C LYS B 8 -5.36 -6.14 -22.32
N ASN B 9 -5.27 -6.84 -23.46
CA ASN B 9 -6.03 -8.06 -23.58
C ASN B 9 -5.49 -9.17 -22.70
N ILE B 10 -4.17 -9.24 -22.54
CA ILE B 10 -3.65 -10.28 -21.65
C ILE B 10 -3.94 -9.93 -20.20
N ALA B 11 -3.98 -8.63 -19.91
CA ALA B 11 -4.24 -8.18 -18.55
C ALA B 11 -5.58 -8.71 -18.06
N LYS B 12 -6.61 -8.30 -18.79
CA LYS B 12 -7.96 -8.69 -18.42
C LYS B 12 -8.12 -10.19 -18.28
N GLU B 13 -7.33 -10.99 -18.99
CA GLU B 13 -7.47 -12.44 -18.98
C GLU B 13 -6.78 -13.09 -17.78
N ILE B 14 -5.63 -12.55 -17.39
CA ILE B 14 -4.90 -13.04 -16.23
C ILE B 14 -5.72 -12.77 -14.98
N GLU B 15 -6.33 -11.59 -15.00
CA GLU B 15 -7.19 -11.06 -13.96
C GLU B 15 -8.28 -12.06 -13.56
N LYS B 16 -8.98 -12.55 -14.57
CA LYS B 16 -10.09 -13.46 -14.50
C LYS B 16 -9.76 -14.65 -13.59
N GLU B 17 -8.58 -15.18 -13.86
CA GLU B 17 -8.10 -16.37 -13.20
C GLU B 17 -7.40 -16.11 -11.87
N ILE B 18 -6.45 -15.17 -11.81
CA ILE B 18 -5.64 -15.13 -10.59
C ILE B 18 -6.32 -14.41 -9.43
N LEU B 19 -7.23 -13.50 -9.74
CA LEU B 19 -7.88 -12.73 -8.69
C LEU B 19 -8.42 -13.62 -7.58
N PRO B 20 -9.16 -14.68 -7.88
CA PRO B 20 -9.53 -15.68 -6.87
C PRO B 20 -8.41 -16.09 -5.92
N TYR B 21 -7.13 -16.00 -6.31
CA TYR B 21 -6.10 -16.40 -5.36
C TYR B 21 -5.74 -15.23 -4.46
N PHE B 22 -6.31 -14.07 -4.73
CA PHE B 22 -5.85 -12.89 -3.99
C PHE B 22 -6.08 -13.06 -2.49
N GLY B 23 -4.99 -13.12 -1.72
CA GLY B 23 -5.10 -13.32 -0.29
C GLY B 23 -5.50 -14.73 0.13
N ARG B 24 -5.79 -15.62 -0.82
CA ARG B 24 -6.16 -16.98 -0.46
C ARG B 24 -4.93 -17.89 -0.44
N LYS B 25 -4.04 -17.62 0.49
CA LYS B 25 -2.76 -18.27 0.69
C LYS B 25 -2.84 -19.76 1.00
N ASP B 26 -4.05 -20.22 1.20
CA ASP B 26 -4.57 -21.53 1.48
C ASP B 26 -4.97 -22.26 0.20
N LYS B 27 -4.88 -21.54 -0.92
CA LYS B 27 -5.28 -22.05 -2.22
C LYS B 27 -4.13 -22.24 -3.19
N SER B 28 -2.88 -22.06 -2.75
CA SER B 28 -1.80 -22.14 -3.73
C SER B 28 -0.55 -22.86 -3.23
N TYR B 29 0.04 -23.61 -4.15
CA TYR B 29 1.24 -24.37 -3.92
C TYR B 29 2.36 -23.98 -4.88
N VAL B 30 3.57 -24.37 -4.48
CA VAL B 30 4.78 -24.05 -5.22
C VAL B 30 5.19 -25.16 -6.17
N VAL B 31 5.02 -24.87 -7.45
CA VAL B 31 5.24 -25.80 -8.54
C VAL B 31 6.69 -25.88 -8.98
N GLY B 32 7.55 -25.03 -8.42
CA GLY B 32 8.93 -25.14 -8.86
C GLY B 32 9.78 -23.93 -8.51
N THR B 33 10.85 -23.75 -9.29
CA THR B 33 11.90 -22.78 -9.09
C THR B 33 12.21 -21.99 -10.34
N SER B 34 11.78 -20.73 -10.39
CA SER B 34 12.14 -19.86 -11.51
C SER B 34 13.68 -19.88 -11.61
N PRO B 35 14.19 -20.13 -12.80
CA PRO B 35 15.59 -20.40 -13.14
C PRO B 35 16.57 -19.93 -12.09
N SER B 36 16.40 -18.66 -11.74
CA SER B 36 17.06 -18.05 -10.59
C SER B 36 17.06 -19.00 -9.41
N GLY B 37 15.98 -18.99 -8.62
CA GLY B 37 15.92 -19.85 -7.46
C GLY B 37 14.97 -19.33 -6.40
N ASP B 38 13.74 -19.03 -6.81
CA ASP B 38 12.71 -18.64 -5.86
C ASP B 38 11.43 -19.45 -6.09
N GLU B 39 10.57 -19.46 -5.07
CA GLU B 39 9.32 -20.17 -5.20
C GLU B 39 8.49 -19.65 -6.37
N THR B 40 8.16 -20.54 -7.29
CA THR B 40 7.15 -20.23 -8.29
C THR B 40 5.78 -20.73 -7.80
N GLU B 41 4.93 -19.84 -7.30
CA GLU B 41 3.64 -20.36 -6.85
C GLU B 41 2.75 -20.66 -8.05
N ILE B 42 1.76 -21.53 -7.84
CA ILE B 42 0.79 -21.87 -8.88
C ILE B 42 0.24 -20.66 -9.61
N PHE B 43 -0.06 -19.55 -8.94
CA PHE B 43 -0.67 -18.43 -9.68
C PHE B 43 0.39 -17.75 -10.53
N ASP B 44 1.65 -17.77 -10.08
CA ASP B 44 2.73 -17.31 -10.93
C ASP B 44 2.68 -18.00 -12.30
N LYS B 45 2.67 -19.33 -12.26
CA LYS B 45 2.65 -20.15 -13.46
C LYS B 45 1.46 -19.81 -14.34
N ILE B 46 0.27 -19.94 -13.79
CA ILE B 46 -0.97 -19.69 -14.53
C ILE B 46 -0.94 -18.36 -15.28
N SER B 47 -0.65 -17.27 -14.57
CA SER B 47 -0.65 -15.95 -15.19
C SER B 47 0.38 -15.87 -16.30
N GLU B 48 1.57 -16.44 -16.11
CA GLU B 48 2.59 -16.50 -17.15
C GLU B 48 2.11 -17.23 -18.39
N ASP B 49 1.67 -18.47 -18.22
CA ASP B 49 1.18 -19.27 -19.33
C ASP B 49 0.08 -18.53 -20.08
N ILE B 50 -0.68 -17.65 -19.42
CA ILE B 50 -1.73 -17.01 -20.21
C ILE B 50 -1.08 -15.97 -21.15
N ALA B 51 0.00 -15.37 -20.69
CA ALA B 51 0.73 -14.37 -21.45
C ALA B 51 1.41 -15.00 -22.67
N LEU B 52 2.14 -16.07 -22.43
CA LEU B 52 2.84 -16.79 -23.49
C LEU B 52 1.90 -17.37 -24.52
N LYS B 53 0.62 -17.58 -24.16
CA LYS B 53 -0.25 -18.17 -25.19
C LYS B 53 -0.47 -17.14 -26.29
N TYR B 54 -0.83 -15.92 -25.92
CA TYR B 54 -1.02 -14.84 -26.86
C TYR B 54 0.28 -14.48 -27.58
N LEU B 55 1.38 -14.44 -26.85
CA LEU B 55 2.66 -14.03 -27.39
C LEU B 55 3.25 -15.03 -28.37
N LYS B 56 3.04 -16.33 -28.14
CA LYS B 56 3.78 -17.35 -28.86
C LYS B 56 3.59 -17.25 -30.38
N SER B 57 2.37 -17.01 -30.82
CA SER B 57 2.05 -16.90 -32.24
C SER B 57 2.49 -15.58 -32.85
N LEU B 58 3.24 -14.77 -32.13
CA LEU B 58 3.72 -13.49 -32.63
C LEU B 58 5.13 -13.55 -33.19
N ASN B 59 5.90 -14.49 -32.64
CA ASN B 59 7.31 -14.61 -32.93
C ASN B 59 8.00 -13.25 -32.76
N VAL B 60 8.12 -12.89 -31.50
CA VAL B 60 8.97 -11.84 -30.97
C VAL B 60 9.80 -12.47 -29.87
N ASN B 61 10.80 -11.78 -29.34
CA ASN B 61 11.49 -12.46 -28.22
C ASN B 61 10.72 -12.22 -26.93
N ILE B 62 10.84 -13.15 -26.00
CA ILE B 62 10.18 -12.96 -24.71
C ILE B 62 11.17 -13.06 -23.55
N VAL B 63 11.22 -12.02 -22.73
CA VAL B 63 11.89 -11.97 -21.45
C VAL B 63 10.84 -12.06 -20.35
N SER B 64 10.85 -13.14 -19.57
CA SER B 64 9.82 -13.31 -18.54
C SER B 64 10.46 -13.56 -17.17
N GLU B 65 9.71 -13.30 -16.11
CA GLU B 65 10.34 -13.46 -14.78
C GLU B 65 10.49 -14.94 -14.48
N GLU B 66 9.44 -15.73 -14.72
CA GLU B 66 9.58 -17.15 -14.38
C GLU B 66 9.89 -18.00 -15.60
N LEU B 67 10.80 -17.54 -16.45
CA LEU B 67 11.12 -18.36 -17.63
C LEU B 67 12.34 -17.79 -18.34
N GLY B 68 12.75 -16.60 -17.93
CA GLY B 68 13.95 -15.96 -18.41
C GLY B 68 13.89 -15.40 -19.81
N VAL B 69 14.61 -16.03 -20.74
CA VAL B 69 14.67 -15.52 -22.11
C VAL B 69 14.32 -16.57 -23.15
N ILE B 70 13.40 -16.19 -24.02
CA ILE B 70 13.10 -16.99 -25.20
C ILE B 70 13.52 -16.19 -26.42
N ASP B 71 14.55 -16.63 -27.14
CA ASP B 71 14.95 -15.82 -28.28
C ASP B 71 14.48 -16.47 -29.59
N ASN B 72 13.53 -15.82 -30.23
CA ASN B 72 13.01 -16.20 -31.53
C ASN B 72 13.69 -15.38 -32.62
N SER B 73 14.73 -14.66 -32.24
CA SER B 73 15.43 -13.77 -33.16
C SER B 73 14.44 -12.89 -33.95
N SER B 74 13.75 -12.00 -33.27
CA SER B 74 12.88 -10.99 -33.86
C SER B 74 13.40 -9.61 -33.49
N GLU B 75 12.98 -8.52 -34.12
CA GLU B 75 13.57 -7.26 -33.63
C GLU B 75 12.74 -6.75 -32.46
N TRP B 76 11.61 -7.43 -32.29
CA TRP B 76 10.63 -7.10 -31.28
C TRP B 76 10.85 -7.93 -30.01
N THR B 77 10.98 -7.24 -28.88
CA THR B 77 11.17 -7.88 -27.60
C THR B 77 10.10 -7.46 -26.59
N VAL B 78 9.41 -8.46 -26.04
CA VAL B 78 8.40 -8.27 -25.02
C VAL B 78 8.86 -8.78 -23.66
N VAL B 79 9.00 -7.87 -22.70
CA VAL B 79 9.42 -8.15 -21.35
C VAL B 79 8.23 -8.08 -20.39
N ILE B 80 7.99 -9.18 -19.67
CA ILE B 80 6.79 -9.19 -18.84
C ILE B 80 7.00 -9.75 -17.45
N ASP B 81 6.38 -9.12 -16.45
CA ASP B 81 6.18 -9.79 -15.18
C ASP B 81 4.66 -9.94 -15.00
N PRO B 82 4.15 -11.15 -15.20
CA PRO B 82 2.72 -11.42 -15.04
C PRO B 82 2.18 -10.82 -13.74
N ILE B 83 2.96 -10.91 -12.66
CA ILE B 83 2.54 -10.28 -11.42
C ILE B 83 3.70 -9.63 -10.70
N ASP B 84 3.62 -8.31 -10.51
CA ASP B 84 4.69 -7.70 -9.71
C ASP B 84 4.12 -7.40 -8.32
N GLY B 85 4.67 -8.09 -7.33
CA GLY B 85 4.17 -7.99 -5.97
C GLY B 85 3.47 -9.25 -5.50
N SER B 86 4.08 -10.41 -5.74
CA SER B 86 3.57 -11.71 -5.32
C SER B 86 3.16 -11.71 -3.84
N PHE B 87 4.14 -11.54 -2.97
CA PHE B 87 4.00 -11.47 -1.53
C PHE B 87 2.73 -10.72 -1.10
N ASN B 88 2.66 -9.45 -1.47
CA ASN B 88 1.48 -8.67 -1.17
C ASN B 88 0.24 -9.41 -1.69
N PHE B 89 0.41 -10.02 -2.86
CA PHE B 89 -0.76 -10.52 -3.57
C PHE B 89 -1.43 -11.66 -2.84
N ILE B 90 -0.59 -12.57 -2.38
CA ILE B 90 -1.12 -13.76 -1.73
C ILE B 90 -1.37 -13.51 -0.24
N ASN B 91 -0.79 -12.47 0.32
CA ASN B 91 -1.01 -12.01 1.68
C ASN B 91 -2.13 -10.97 1.73
N GLY B 92 -2.87 -10.87 0.64
CA GLY B 92 -3.98 -9.93 0.55
C GLY B 92 -3.59 -8.48 0.72
N ILE B 93 -2.37 -8.11 0.36
CA ILE B 93 -2.01 -6.68 0.35
C ILE B 93 -2.30 -6.11 -1.04
N PRO B 94 -3.20 -5.15 -1.16
CA PRO B 94 -3.65 -4.74 -2.48
C PRO B 94 -2.64 -3.82 -3.18
N PHE B 95 -1.43 -4.29 -3.32
CA PHE B 95 -0.38 -3.67 -4.09
C PHE B 95 0.41 -4.72 -4.89
N PHE B 96 0.09 -4.85 -6.17
CA PHE B 96 0.68 -5.76 -7.13
C PHE B 96 0.31 -5.34 -8.55
N ALA B 97 1.00 -5.82 -9.58
CA ALA B 97 0.73 -5.26 -10.91
C ALA B 97 1.23 -6.10 -12.07
N PHE B 98 0.46 -6.15 -13.17
CA PHE B 98 0.92 -6.80 -14.39
C PHE B 98 1.85 -5.90 -15.20
N CYS B 99 3.04 -6.38 -15.54
CA CYS B 99 3.97 -5.53 -16.27
C CYS B 99 4.24 -6.00 -17.70
N PHE B 100 4.11 -5.06 -18.64
CA PHE B 100 4.22 -5.44 -20.05
C PHE B 100 4.90 -4.33 -20.86
N GLY B 101 6.13 -4.59 -21.27
CA GLY B 101 6.86 -3.61 -22.05
C GLY B 101 7.32 -4.13 -23.40
N VAL B 102 7.06 -3.35 -24.45
CA VAL B 102 7.46 -3.77 -25.79
C VAL B 102 8.60 -2.91 -26.31
N PHE B 103 9.67 -3.58 -26.72
CA PHE B 103 10.83 -2.92 -27.30
C PHE B 103 11.07 -3.39 -28.74
N LYS B 104 11.42 -2.45 -29.59
CA LYS B 104 11.78 -2.65 -30.98
C LYS B 104 13.24 -2.28 -31.22
N ASN B 105 14.05 -3.24 -31.66
CA ASN B 105 15.47 -2.95 -31.84
C ASN B 105 16.12 -2.64 -30.50
N ASN B 106 15.59 -3.27 -29.45
CA ASN B 106 16.04 -3.06 -28.08
C ASN B 106 16.04 -1.57 -27.74
N GLU B 107 14.97 -0.90 -28.14
CA GLU B 107 14.61 0.46 -27.87
C GLU B 107 13.17 0.53 -27.36
N PRO B 108 12.89 1.38 -26.38
CA PRO B 108 11.53 1.39 -25.81
C PRO B 108 10.51 1.75 -26.88
N TYR B 109 9.38 1.08 -26.86
CA TYR B 109 8.30 1.35 -27.82
C TYR B 109 6.99 1.52 -27.07
N TYR B 110 6.73 0.56 -26.17
CA TYR B 110 5.46 0.67 -25.45
C TYR B 110 5.55 -0.01 -24.08
N GLY B 111 4.81 0.58 -23.15
CA GLY B 111 4.75 0.05 -21.80
C GLY B 111 3.32 0.12 -21.29
N LEU B 112 2.87 -1.00 -20.78
CA LEU B 112 1.66 -1.19 -20.01
C LEU B 112 2.05 -1.66 -18.60
N THR B 113 1.35 -1.08 -17.64
CA THR B 113 1.42 -1.47 -16.24
C THR B 113 -0.02 -1.46 -15.70
N TYR B 114 -0.54 -2.62 -15.38
CA TYR B 114 -1.92 -2.80 -14.96
C TYR B 114 -2.07 -2.99 -13.44
N GLU B 115 -2.70 -2.00 -12.82
CA GLU B 115 -3.03 -2.06 -11.40
C GLU B 115 -4.42 -2.68 -11.23
N PHE B 116 -4.47 -3.99 -11.08
CA PHE B 116 -5.72 -4.71 -10.97
C PHE B 116 -6.78 -4.13 -10.05
N LEU B 117 -6.50 -4.00 -8.75
CA LEU B 117 -7.62 -3.72 -7.84
C LEU B 117 -8.19 -2.33 -8.04
N THR B 118 -7.46 -1.51 -8.78
CA THR B 118 -7.80 -0.14 -9.10
C THR B 118 -8.33 -0.08 -10.53
N LYS B 119 -8.06 -1.15 -11.27
CA LYS B 119 -8.48 -1.22 -12.67
C LYS B 119 -7.95 0.01 -13.40
N SER B 120 -6.70 0.31 -13.06
CA SER B 120 -5.94 1.42 -13.63
C SER B 120 -4.97 0.95 -14.71
N PHE B 121 -5.18 1.38 -15.94
CA PHE B 121 -4.20 1.11 -16.98
C PHE B 121 -3.19 2.25 -17.06
N TYR B 122 -1.94 1.95 -16.71
CA TYR B 122 -0.88 2.93 -16.92
C TYR B 122 -0.16 2.59 -18.24
N GLU B 123 -0.02 3.56 -19.13
CA GLU B 123 0.66 3.26 -20.39
C GLU B 123 1.27 4.49 -21.07
N ALA B 124 2.21 4.21 -21.96
CA ALA B 124 2.88 5.21 -22.77
C ALA B 124 3.40 4.61 -24.07
N TYR B 125 3.09 5.23 -25.21
CA TYR B 125 3.82 4.74 -26.40
C TYR B 125 5.12 5.54 -26.43
N LYS B 126 6.26 4.90 -26.71
CA LYS B 126 7.52 5.66 -26.71
C LYS B 126 7.44 6.87 -27.62
N GLY B 127 7.74 8.03 -27.05
CA GLY B 127 7.66 9.31 -27.72
C GLY B 127 6.30 9.94 -27.70
N LYS B 128 5.24 9.23 -27.31
CA LYS B 128 3.90 9.83 -27.39
C LYS B 128 3.34 10.31 -26.07
N GLY B 129 4.02 10.16 -24.93
CA GLY B 129 3.47 10.66 -23.67
C GLY B 129 2.82 9.60 -22.82
N ALA B 130 2.70 9.80 -21.50
CA ALA B 130 2.18 8.74 -20.64
C ALA B 130 0.74 8.96 -20.22
N TYR B 131 -0.03 7.88 -20.24
CA TYR B 131 -1.44 7.94 -19.87
C TYR B 131 -1.81 7.02 -18.71
N LEU B 132 -2.88 7.39 -18.00
CA LEU B 132 -3.50 6.57 -16.97
C LEU B 132 -4.99 6.52 -17.22
N ASN B 133 -5.47 5.42 -17.81
CA ASN B 133 -6.89 5.36 -18.14
C ASN B 133 -7.26 6.45 -19.14
N GLY B 134 -6.35 6.80 -20.03
CA GLY B 134 -6.69 7.78 -21.05
C GLY B 134 -6.36 9.21 -20.68
N ARG B 135 -6.30 9.51 -19.38
CA ARG B 135 -5.92 10.85 -18.95
C ARG B 135 -4.40 10.98 -18.99
N LYS B 136 -3.90 12.06 -19.59
CA LYS B 136 -2.45 12.24 -19.63
C LYS B 136 -1.92 12.48 -18.22
N ILE B 137 -0.86 11.76 -17.86
CA ILE B 137 -0.29 11.99 -16.54
C ILE B 137 1.09 12.64 -16.68
N LYS B 138 1.64 13.16 -15.60
CA LYS B 138 2.93 13.82 -15.55
C LYS B 138 3.45 13.90 -14.13
N VAL B 139 4.75 13.70 -13.93
CA VAL B 139 5.31 13.73 -12.58
C VAL B 139 4.94 14.98 -11.79
N LYS B 140 5.06 14.83 -10.48
CA LYS B 140 4.79 15.81 -9.46
C LYS B 140 5.79 16.95 -9.46
N ASP B 141 5.29 18.19 -9.31
CA ASP B 141 6.18 19.34 -9.18
C ASP B 141 6.98 19.22 -7.90
N PHE B 142 8.29 19.45 -7.96
CA PHE B 142 9.16 19.34 -6.79
C PHE B 142 8.87 20.42 -5.76
N ASN B 143 8.81 20.01 -4.50
CA ASN B 143 8.65 20.81 -3.31
C ASN B 143 9.34 20.17 -2.10
N PRO B 144 10.40 20.86 -1.68
CA PRO B 144 11.35 20.37 -0.69
C PRO B 144 10.74 20.25 0.70
N ASN B 145 9.60 20.93 0.88
CA ASN B 145 8.95 20.85 2.19
C ASN B 145 7.84 19.81 2.16
N ASN B 146 7.78 19.10 1.03
CA ASN B 146 6.72 18.11 0.84
C ASN B 146 7.18 16.88 0.09
N ILE B 147 8.35 16.35 0.45
CA ILE B 147 8.86 15.16 -0.24
C ILE B 147 8.14 13.91 0.25
N VAL B 148 7.61 13.14 -0.70
CA VAL B 148 6.94 11.88 -0.49
C VAL B 148 7.67 10.78 -1.26
N ILE B 149 8.22 9.81 -0.54
CA ILE B 149 9.07 8.84 -1.21
C ILE B 149 8.86 7.40 -0.75
N SER B 150 9.37 6.53 -1.60
CA SER B 150 9.48 5.11 -1.36
C SER B 150 10.93 4.69 -1.59
N TYR B 151 11.39 3.76 -0.77
CA TYR B 151 12.77 3.33 -0.98
C TYR B 151 13.04 1.95 -0.41
N TYR B 152 14.09 1.36 -0.96
CA TYR B 152 14.71 0.10 -0.60
C TYR B 152 16.22 0.37 -0.53
N PRO B 153 16.68 0.62 0.69
CA PRO B 153 18.07 1.07 0.88
C PRO B 153 19.03 -0.10 1.03
N SER B 154 20.27 0.15 0.61
CA SER B 154 21.35 -0.78 0.89
C SER B 154 21.71 -0.63 2.35
N LYS B 155 22.57 -1.48 2.90
CA LYS B 155 22.91 -1.39 4.33
C LYS B 155 23.88 -0.25 4.62
N LYS B 156 23.74 0.88 3.95
CA LYS B 156 24.73 1.96 3.99
C LYS B 156 24.12 3.34 4.09
N ILE B 157 22.85 3.48 3.71
CA ILE B 157 22.24 4.79 3.64
C ILE B 157 21.94 5.38 5.01
N ASP B 158 22.08 6.70 5.12
CA ASP B 158 21.72 7.36 6.37
C ASP B 158 20.20 7.52 6.47
N LEU B 159 19.55 6.46 6.92
CA LEU B 159 18.10 6.46 7.10
C LEU B 159 17.69 7.67 7.92
N GLU B 160 18.52 7.99 8.91
CA GLU B 160 18.33 9.18 9.73
C GLU B 160 18.31 10.43 8.86
N LYS B 161 19.39 10.67 8.11
CA LYS B 161 19.37 11.87 7.28
C LYS B 161 18.26 11.75 6.24
N LEU B 162 18.12 10.54 5.69
CA LEU B 162 17.09 10.31 4.69
C LEU B 162 15.74 10.73 5.23
N ARG B 163 15.35 10.20 6.38
CA ARG B 163 14.05 10.56 6.91
C ARG B 163 13.99 12.02 7.31
N ASN B 164 15.14 12.65 7.45
CA ASN B 164 15.12 14.04 7.92
C ASN B 164 14.83 15.01 6.78
N LYS B 165 15.02 14.55 5.55
CA LYS B 165 14.79 15.36 4.37
C LYS B 165 13.35 15.29 3.88
N VAL B 166 12.78 14.09 3.86
CA VAL B 166 11.44 13.89 3.29
C VAL B 166 10.33 14.09 4.31
N LYS B 167 9.14 14.44 3.83
CA LYS B 167 7.96 14.68 4.65
C LYS B 167 7.03 13.48 4.78
N ARG B 168 7.01 12.54 3.85
CA ARG B 168 6.21 11.33 4.04
C ARG B 168 6.96 10.13 3.47
N VAL B 169 6.73 9.00 4.12
CA VAL B 169 7.26 7.74 3.61
C VAL B 169 6.14 6.72 3.41
N ARG B 170 6.27 5.95 2.35
CA ARG B 170 5.45 4.83 1.95
C ARG B 170 6.34 3.78 1.29
N ILE B 171 6.20 2.52 1.68
CA ILE B 171 6.94 1.41 1.08
C ILE B 171 5.99 0.23 0.86
N PHE B 172 5.72 -0.08 -0.40
CA PHE B 172 4.61 -0.91 -0.83
C PHE B 172 4.99 -2.30 -1.26
N GLY B 173 6.26 -2.50 -1.61
CA GLY B 173 6.70 -3.83 -2.00
C GLY B 173 6.26 -4.20 -3.41
N ALA B 174 6.42 -3.30 -4.37
CA ALA B 174 6.10 -3.52 -5.78
C ALA B 174 6.77 -2.43 -6.62
N PHE B 175 8.02 -2.65 -7.01
CA PHE B 175 8.79 -1.61 -7.68
C PHE B 175 8.12 -1.18 -8.98
N GLY B 176 7.74 -2.17 -9.78
CA GLY B 176 7.04 -1.92 -11.02
C GLY B 176 5.89 -0.95 -10.89
N LEU B 177 5.01 -1.15 -9.92
CA LEU B 177 3.83 -0.26 -9.83
C LEU B 177 4.20 0.98 -9.04
N GLU B 178 5.14 0.84 -8.11
CA GLU B 178 5.60 2.03 -7.40
C GLU B 178 6.17 3.04 -8.39
N MET B 179 7.01 2.60 -9.33
CA MET B 179 7.49 3.44 -10.42
C MET B 179 6.36 4.26 -11.02
N CYS B 180 5.23 3.66 -11.39
CA CYS B 180 4.17 4.50 -11.96
C CYS B 180 3.59 5.49 -10.94
N TYR B 181 3.93 5.35 -9.67
CA TYR B 181 3.46 6.29 -8.65
C TYR B 181 4.16 7.63 -8.78
N VAL B 182 5.41 7.58 -9.23
CA VAL B 182 6.12 8.81 -9.57
C VAL B 182 5.60 9.34 -10.91
N ALA B 183 5.47 8.41 -11.84
CA ALA B 183 4.93 8.74 -13.16
C ALA B 183 3.64 9.54 -13.01
N LYS B 184 2.75 9.10 -12.13
CA LYS B 184 1.42 9.73 -12.07
C LYS B 184 1.43 10.92 -11.12
N GLY B 185 2.54 11.10 -10.39
CA GLY B 185 2.67 12.30 -9.59
C GLY B 185 2.28 12.16 -8.15
N THR B 186 2.33 10.95 -7.60
CA THR B 186 1.98 10.80 -6.18
C THR B 186 3.21 10.87 -5.27
N LEU B 187 4.24 10.13 -5.64
CA LEU B 187 5.52 10.17 -4.97
C LEU B 187 6.56 10.96 -5.79
N ASP B 188 7.42 11.64 -5.03
CA ASP B 188 8.51 12.40 -5.61
C ASP B 188 9.52 11.46 -6.20
N ALA B 189 9.57 10.25 -5.64
CA ALA B 189 10.51 9.26 -6.16
C ALA B 189 10.47 7.94 -5.39
N VAL B 190 10.99 6.95 -6.10
CA VAL B 190 11.23 5.62 -5.57
C VAL B 190 12.63 5.18 -6.03
N PHE B 191 13.36 4.44 -5.20
CA PHE B 191 14.67 3.95 -5.62
C PHE B 191 14.99 2.62 -4.95
N ASP B 192 15.92 1.89 -5.56
CA ASP B 192 16.39 0.61 -5.02
C ASP B 192 17.90 0.46 -5.18
N VAL B 193 18.64 0.83 -4.15
CA VAL B 193 20.09 0.68 -4.15
C VAL B 193 20.51 -0.54 -3.35
N ARG B 194 19.57 -1.44 -3.08
CA ARG B 194 19.86 -2.73 -2.44
C ARG B 194 19.72 -3.81 -3.51
N PRO B 195 20.65 -3.80 -4.45
CA PRO B 195 20.55 -4.32 -5.81
C PRO B 195 19.60 -5.51 -5.95
N LYS B 196 18.33 -5.25 -6.22
CA LYS B 196 17.35 -6.32 -6.27
C LYS B 196 16.46 -6.30 -7.50
N VAL B 197 16.05 -5.13 -7.97
CA VAL B 197 15.13 -5.17 -9.12
C VAL B 197 15.87 -5.79 -10.30
N ARG B 198 15.14 -6.44 -11.18
CA ARG B 198 15.68 -6.95 -12.45
C ARG B 198 14.98 -6.22 -13.59
N ALA B 199 15.31 -6.53 -14.84
CA ALA B 199 14.71 -5.84 -15.98
C ALA B 199 13.20 -6.02 -16.01
N VAL B 200 12.77 -7.26 -15.80
CA VAL B 200 11.36 -7.63 -15.81
C VAL B 200 10.53 -6.73 -14.90
N ASP B 201 11.15 -6.24 -13.83
CA ASP B 201 10.44 -5.41 -12.87
C ASP B 201 10.24 -3.98 -13.35
N ILE B 202 11.05 -3.45 -14.26
CA ILE B 202 10.98 -2.01 -14.54
C ILE B 202 10.83 -1.65 -16.01
N ALA B 203 10.91 -2.63 -16.89
CA ALA B 203 10.81 -2.35 -18.32
C ALA B 203 9.55 -1.57 -18.65
N SER B 204 8.37 -2.09 -18.34
CA SER B 204 7.15 -1.38 -18.78
C SER B 204 7.05 0.01 -18.17
N SER B 205 7.40 0.12 -16.89
CA SER B 205 7.24 1.41 -16.22
C SER B 205 8.42 2.33 -16.45
N TYR B 206 9.50 1.78 -16.99
CA TYR B 206 10.60 2.64 -17.43
C TYR B 206 10.07 3.61 -18.49
N ILE B 207 9.41 3.01 -19.48
CA ILE B 207 8.84 3.76 -20.58
C ILE B 207 7.80 4.76 -20.11
N ILE B 208 6.84 4.24 -19.37
CA ILE B 208 5.77 5.09 -18.83
C ILE B 208 6.37 6.25 -18.06
N CYS B 209 7.38 5.98 -17.23
CA CYS B 209 7.99 7.02 -16.39
C CYS B 209 8.73 8.05 -17.22
N LYS B 210 9.52 7.60 -18.20
CA LYS B 210 10.19 8.53 -19.11
C LYS B 210 9.22 9.49 -19.78
N GLU B 211 8.11 8.95 -20.31
CA GLU B 211 7.12 9.78 -20.99
C GLU B 211 6.39 10.67 -20.00
N ALA B 212 6.56 10.43 -18.71
CA ALA B 212 5.95 11.24 -17.68
C ALA B 212 6.88 12.35 -17.21
N GLY B 213 8.09 12.35 -17.73
CA GLY B 213 9.10 13.35 -17.48
C GLY B 213 10.00 13.05 -16.30
N ALA B 214 10.14 11.77 -15.98
CA ALA B 214 10.95 11.43 -14.81
C ALA B 214 12.42 11.27 -15.19
N LEU B 215 13.29 11.40 -14.20
CA LEU B 215 14.71 11.10 -14.38
C LEU B 215 14.92 9.66 -13.91
N ILE B 216 15.62 8.85 -14.70
CA ILE B 216 15.89 7.48 -14.30
C ILE B 216 17.38 7.18 -14.45
N THR B 217 18.01 7.00 -13.28
CA THR B 217 19.45 6.89 -13.21
C THR B 217 19.88 5.69 -12.38
N ASP B 218 21.19 5.50 -12.29
CA ASP B 218 21.83 4.52 -11.43
C ASP B 218 22.46 5.25 -10.24
N GLU B 219 23.15 4.53 -9.37
CA GLU B 219 23.74 5.11 -8.18
C GLU B 219 24.54 6.37 -8.47
N ASN B 220 25.34 6.37 -9.54
CA ASN B 220 26.19 7.53 -9.78
C ASN B 220 25.38 8.73 -10.25
N GLY B 221 24.09 8.53 -10.50
CA GLY B 221 23.29 9.62 -11.06
C GLY B 221 23.45 9.64 -12.58
N ASP B 222 24.08 8.59 -13.09
CA ASP B 222 24.28 8.48 -14.54
C ASP B 222 23.08 7.79 -15.18
N GLU B 223 22.69 8.24 -16.36
CA GLU B 223 21.53 7.74 -17.08
C GLU B 223 21.40 6.24 -17.06
N LEU B 224 20.25 5.77 -16.53
CA LEU B 224 20.15 4.31 -16.47
C LEU B 224 20.06 3.74 -17.89
N LYS B 225 20.93 2.78 -18.10
CA LYS B 225 20.99 1.93 -19.28
C LYS B 225 20.91 0.49 -18.81
N PHE B 226 19.94 -0.28 -19.29
CA PHE B 226 19.85 -1.65 -18.77
C PHE B 226 19.69 -2.65 -19.91
N ASP B 227 20.21 -3.86 -19.69
CA ASP B 227 20.04 -4.91 -20.69
C ASP B 227 18.81 -5.75 -20.40
N LEU B 228 18.14 -6.14 -21.48
CA LEU B 228 16.91 -6.92 -21.43
C LEU B 228 17.19 -8.40 -21.23
N ASN B 229 17.44 -8.74 -19.98
CA ASN B 229 17.61 -10.12 -19.52
C ASN B 229 16.71 -10.37 -18.31
N ALA B 230 16.44 -11.65 -18.02
CA ALA B 230 15.66 -11.91 -16.80
C ALA B 230 16.64 -12.31 -15.70
N THR B 231 17.84 -11.75 -15.80
CA THR B 231 18.93 -12.03 -14.87
C THR B 231 19.65 -10.74 -14.47
N ASP B 232 20.51 -10.81 -13.46
CA ASP B 232 21.29 -9.69 -12.96
C ASP B 232 20.39 -8.50 -12.63
N ARG B 233 20.47 -8.05 -11.38
CA ARG B 233 19.66 -6.97 -10.83
C ARG B 233 20.42 -5.64 -10.89
N LEU B 234 19.69 -4.54 -10.69
CA LEU B 234 20.25 -3.21 -10.92
C LEU B 234 19.76 -2.13 -9.96
N ASN B 235 20.71 -1.24 -9.69
CA ASN B 235 20.52 -0.01 -8.95
C ASN B 235 19.72 0.98 -9.79
N ILE B 236 18.56 1.41 -9.31
CA ILE B 236 17.79 2.37 -10.10
C ILE B 236 17.24 3.46 -9.21
N ILE B 237 17.24 4.68 -9.74
CA ILE B 237 16.73 5.86 -9.06
C ILE B 237 15.76 6.57 -9.99
N VAL B 238 14.47 6.36 -9.77
CA VAL B 238 13.50 7.14 -10.57
C VAL B 238 13.05 8.31 -9.70
N ALA B 239 13.19 9.50 -10.25
CA ALA B 239 12.85 10.71 -9.52
C ALA B 239 12.09 11.68 -10.43
N ASN B 240 11.55 12.72 -9.80
CA ASN B 240 10.67 13.64 -10.50
C ASN B 240 11.43 14.91 -10.87
N SER B 241 12.56 15.10 -10.19
CA SER B 241 13.36 16.29 -10.45
C SER B 241 14.81 16.07 -10.02
N LYS B 242 15.69 16.83 -10.68
CA LYS B 242 17.10 16.81 -10.36
C LYS B 242 17.31 16.97 -8.86
N GLU B 243 16.65 17.96 -8.29
CA GLU B 243 16.81 18.23 -6.86
C GLU B 243 16.51 16.98 -6.05
N MET B 244 15.35 16.39 -6.32
CA MET B 244 14.99 15.12 -5.70
C MET B 244 16.12 14.12 -5.88
N LEU B 245 16.68 14.03 -7.08
CA LEU B 245 17.75 13.07 -7.37
C LEU B 245 18.98 13.32 -6.50
N ASP B 246 19.37 14.58 -6.44
CA ASP B 246 20.55 15.00 -5.68
C ASP B 246 20.46 14.58 -4.21
N ILE B 247 19.41 15.01 -3.53
CA ILE B 247 19.15 14.68 -2.14
C ILE B 247 19.40 13.19 -1.89
N ILE B 248 18.89 12.41 -2.83
CA ILE B 248 19.01 10.96 -2.83
C ILE B 248 20.45 10.56 -3.13
N LEU B 249 21.17 11.40 -3.88
CA LEU B 249 22.56 11.06 -4.18
C LEU B 249 23.45 11.40 -3.00
N ASP B 250 23.14 12.51 -2.34
CA ASP B 250 23.90 12.91 -1.17
C ASP B 250 23.97 11.79 -0.14
N LEU B 251 22.87 11.09 0.15
CA LEU B 251 22.93 10.07 1.19
C LEU B 251 23.32 8.70 0.62
N LEU B 252 23.73 8.70 -0.64
CA LEU B 252 24.07 7.44 -1.29
C LEU B 252 25.48 7.00 -0.95
#